data_4Z31
#
_entry.id   4Z31
#
_cell.length_a   60.299
_cell.length_b   174.734
_cell.length_c   61.290
_cell.angle_alpha   90.000
_cell.angle_beta   114.120
_cell.angle_gamma   90.000
#
_symmetry.space_group_name_H-M   'P 1 21 1'
#
loop_
_entity.id
_entity.type
_entity.pdbx_description
1 polymer Roquin-2
2 polymer "RNA (5'-R(*A)-D(P*UP*GP*UP*UP*CP*UP*GP*UP*GP*AP*AP*CP*AP*C)-3')"
3 non-polymer 'UNKNOWN ATOM OR ION'
4 non-polymer 'CHLORIDE ION'
5 water water
#
loop_
_entity_poly.entity_id
_entity_poly.type
_entity_poly.pdbx_seq_one_letter_code
_entity_poly.pdbx_strand_id
1 'polypeptide(L)'
;GSNLGENKHYEVAKKCVEDLALYLKPLSGGKGVASLNQSALSRPMQRKLVTLVNCQLVEEEGRVRAMRAARSLGERTVTE
LILQHQNPQQLSANLWAAVRARGCQFLGPAMQEEALKLVLLALEDGSALSRKVLVLFVVQRLEPRFPQASKTSIGHVVQL
LYRASCFKVTKRDEDSSLMQLKEEFRSYEALRREHDAQIVHIAMEAGLRISPEQWSSLLYGDLAHKSHMQSIIDKLQSPE
SFAKSVQELTIVLQRTGDPANLNRLRPHLELLANIDPNPDAVSPTWEQLENAMVAVKTVVHGLVDFIQNYSRKGHETPQ
;
A,B
2 'polyribonucleotide' AUGUUCUGUGAACAC C,D,E,F
#
loop_
_chem_comp.id
_chem_comp.type
_chem_comp.name
_chem_comp.formula
A RNA linking ADENOSINE-5'-MONOPHOSPHATE 'C10 H14 N5 O7 P'
C RNA linking CYTIDINE-5'-MONOPHOSPHATE 'C9 H14 N3 O8 P'
CL non-polymer 'CHLORIDE ION' 'Cl -1'
G RNA linking GUANOSINE-5'-MONOPHOSPHATE 'C10 H14 N5 O8 P'
U RNA linking URIDINE-5'-MONOPHOSPHATE 'C9 H13 N2 O9 P'
UNX non-polymer 'UNKNOWN ATOM OR ION' ?
#
# COMPACT_ATOMS: atom_id res chain seq x y z
N ASN A 7 -11.70 22.79 -25.15
CA ASN A 7 -11.50 21.48 -25.83
C ASN A 7 -12.49 20.44 -25.30
N LYS A 8 -13.44 20.05 -26.14
CA LYS A 8 -14.51 19.12 -25.74
C LYS A 8 -13.99 17.71 -25.41
N HIS A 9 -12.96 17.26 -26.14
CA HIS A 9 -12.33 15.96 -25.87
C HIS A 9 -11.68 15.93 -24.48
N TYR A 10 -10.92 16.98 -24.16
CA TYR A 10 -10.30 17.12 -22.84
C TYR A 10 -11.32 17.03 -21.70
N GLU A 11 -12.48 17.67 -21.88
CA GLU A 11 -13.50 17.74 -20.84
C GLU A 11 -14.16 16.39 -20.57
N VAL A 12 -14.38 15.60 -21.62
CA VAL A 12 -14.95 14.25 -21.49
C VAL A 12 -13.95 13.35 -20.74
N ALA A 13 -12.69 13.38 -21.20
CA ALA A 13 -11.59 12.66 -20.54
C ALA A 13 -11.48 13.01 -19.05
N LYS A 14 -11.44 14.30 -18.76
CA LYS A 14 -11.38 14.79 -17.37
C LYS A 14 -12.56 14.30 -16.53
N LYS A 15 -13.77 14.37 -17.09
CA LYS A 15 -14.99 13.97 -16.40
C LYS A 15 -15.00 12.45 -16.15
N CYS A 16 -14.59 11.66 -17.14
CA CYS A 16 -14.46 10.20 -16.98
C CYS A 16 -13.54 9.82 -15.82
N VAL A 17 -12.38 10.47 -15.74
CA VAL A 17 -11.44 10.23 -14.64
C VAL A 17 -12.03 10.66 -13.28
N GLU A 18 -12.71 11.81 -13.25
CA GLU A 18 -13.40 12.27 -12.04
C GLU A 18 -14.46 11.26 -11.58
N ASP A 19 -15.24 10.76 -12.55
CA ASP A 19 -16.24 9.71 -12.29
C ASP A 19 -15.63 8.46 -11.69
N LEU A 20 -14.50 8.03 -12.25
CA LEU A 20 -13.78 6.86 -11.73
C LEU A 20 -13.14 7.09 -10.37
N ALA A 21 -12.64 8.31 -10.14
CA ALA A 21 -12.08 8.69 -8.83
C ALA A 21 -13.06 8.52 -7.67
N LEU A 22 -14.37 8.58 -7.94
CA LEU A 22 -15.39 8.37 -6.91
C LEU A 22 -15.36 6.96 -6.29
N TYR A 23 -14.85 5.97 -7.03
CA TYR A 23 -14.68 4.62 -6.50
C TYR A 23 -13.56 4.44 -5.46
N LEU A 24 -12.68 5.43 -5.32
CA LEU A 24 -11.64 5.39 -4.29
C LEU A 24 -12.25 5.54 -2.89
N LYS A 25 -13.34 6.31 -2.79
CA LYS A 25 -14.28 6.24 -1.67
C LYS A 25 -15.32 5.11 -1.91
N PRO A 26 -15.91 4.56 -0.83
CA PRO A 26 -16.91 3.49 -0.99
C PRO A 26 -18.27 4.03 -1.48
N ALA A 40 -14.58 -1.46 -1.59
CA ALA A 40 -15.38 -2.28 -2.48
C ALA A 40 -14.54 -2.93 -3.58
N LEU A 41 -13.67 -2.17 -4.24
CA LEU A 41 -12.83 -2.71 -5.30
C LEU A 41 -11.62 -3.34 -4.64
N SER A 42 -10.95 -4.23 -5.34
CA SER A 42 -9.73 -4.88 -4.84
C SER A 42 -8.56 -3.90 -4.76
N ARG A 43 -7.55 -4.27 -3.97
CA ARG A 43 -6.35 -3.42 -3.79
C ARG A 43 -5.61 -3.12 -5.10
N PRO A 44 -5.42 -4.14 -5.98
CA PRO A 44 -4.86 -3.85 -7.30
C PRO A 44 -5.67 -2.85 -8.14
N MET A 45 -7.00 -2.96 -8.10
CA MET A 45 -7.88 -2.02 -8.80
C MET A 45 -7.74 -0.61 -8.23
N GLN A 46 -7.66 -0.51 -6.91
CA GLN A 46 -7.44 0.77 -6.24
C GLN A 46 -6.11 1.42 -6.65
N ARG A 47 -5.03 0.63 -6.64
CA ARG A 47 -3.70 1.12 -7.04
C ARG A 47 -3.69 1.66 -8.46
N LYS A 48 -4.34 0.92 -9.37
CA LYS A 48 -4.42 1.31 -10.77
C LYS A 48 -5.33 2.51 -11.01
N LEU A 49 -6.41 2.62 -10.23
CA LEU A 49 -7.26 3.82 -10.25
C LEU A 49 -6.48 5.06 -9.82
N VAL A 50 -5.71 4.93 -8.74
CA VAL A 50 -4.87 6.02 -8.23
C VAL A 50 -3.89 6.51 -9.30
N THR A 51 -3.24 5.58 -9.97
CA THR A 51 -2.29 5.89 -11.05
C THR A 51 -2.94 6.68 -12.18
N LEU A 52 -4.15 6.28 -12.58
CA LEU A 52 -4.90 6.99 -13.63
C LEU A 52 -5.26 8.41 -13.18
N VAL A 53 -5.79 8.53 -11.97
CA VAL A 53 -6.22 9.79 -11.39
C VAL A 53 -5.06 10.80 -11.24
N ASN A 54 -3.84 10.30 -11.01
CA ASN A 54 -2.65 11.15 -10.89
C ASN A 54 -2.07 11.66 -12.21
N CYS A 55 -2.51 11.10 -13.34
CA CYS A 55 -2.04 11.56 -14.65
C CYS A 55 -2.56 12.97 -14.95
N GLN A 56 -1.65 13.88 -15.27
CA GLN A 56 -2.01 15.28 -15.58
C GLN A 56 -2.33 15.43 -17.07
N LEU A 57 -3.63 15.55 -17.37
CA LEU A 57 -4.12 15.53 -18.74
C LEU A 57 -3.83 16.83 -19.51
N VAL A 58 -3.48 17.89 -18.78
CA VAL A 58 -2.99 19.13 -19.38
C VAL A 58 -1.59 19.04 -20.02
N GLU A 59 -0.81 18.03 -19.66
CA GLU A 59 0.50 17.74 -20.28
C GLU A 59 0.42 16.55 -21.22
N GLU A 60 1.22 16.59 -22.28
CA GLU A 60 1.37 15.47 -23.21
C GLU A 60 1.90 14.20 -22.54
N GLU A 61 2.88 14.36 -21.63
CA GLU A 61 3.45 13.23 -20.90
C GLU A 61 2.42 12.54 -19.99
N GLY A 62 1.61 13.35 -19.30
CA GLY A 62 0.50 12.83 -18.49
C GLY A 62 -0.61 12.18 -19.32
N ARG A 63 -0.83 12.68 -20.54
CA ARG A 63 -1.77 12.06 -21.47
C ARG A 63 -1.30 10.67 -21.93
N VAL A 64 0.00 10.54 -22.17
CA VAL A 64 0.61 9.24 -22.50
C VAL A 64 0.46 8.26 -21.34
N ARG A 65 0.73 8.73 -20.12
CA ARG A 65 0.56 7.92 -18.92
C ARG A 65 -0.90 7.48 -18.71
N ALA A 66 -1.83 8.39 -18.97
CA ALA A 66 -3.26 8.11 -18.84
C ALA A 66 -3.72 6.97 -19.75
N MET A 67 -3.15 6.90 -20.95
CA MET A 67 -3.45 5.83 -21.91
C MET A 67 -2.98 4.47 -21.40
N ARG A 68 -1.75 4.42 -20.89
CA ARG A 68 -1.20 3.19 -20.32
C ARG A 68 -1.88 2.79 -19.01
N ALA A 69 -2.22 3.76 -18.19
CA ALA A 69 -2.99 3.53 -16.96
C ALA A 69 -4.39 2.98 -17.25
N ALA A 70 -5.03 3.49 -18.32
CA ALA A 70 -6.34 3.01 -18.74
C ALA A 70 -6.26 1.56 -19.21
N ARG A 71 -5.25 1.26 -20.02
CA ARG A 71 -4.99 -0.12 -20.45
CA ARG A 71 -4.99 -0.12 -20.45
C ARG A 71 -4.77 -1.04 -19.25
N SER A 72 -3.92 -0.61 -18.33
CA SER A 72 -3.59 -1.40 -17.13
C SER A 72 -4.82 -1.67 -16.29
N LEU A 73 -5.63 -0.64 -16.11
CA LEU A 73 -6.88 -0.73 -15.37
C LEU A 73 -7.91 -1.65 -16.05
N GLY A 74 -7.94 -1.64 -17.39
CA GLY A 74 -8.80 -2.55 -18.16
C GLY A 74 -8.38 -4.00 -18.08
N GLU A 75 -7.08 -4.27 -18.24
CA GLU A 75 -6.56 -5.64 -18.12
C GLU A 75 -6.87 -6.24 -16.75
N ARG A 76 -6.80 -5.43 -15.72
CA ARG A 76 -7.14 -5.91 -14.40
C ARG A 76 -8.65 -6.14 -14.22
N THR A 77 -9.48 -5.30 -14.83
CA THR A 77 -10.92 -5.49 -14.79
C THR A 77 -11.31 -6.83 -15.36
N VAL A 78 -10.70 -7.23 -16.48
CA VAL A 78 -10.97 -8.54 -17.06
C VAL A 78 -10.61 -9.63 -16.04
N THR A 79 -9.45 -9.49 -15.39
CA THR A 79 -9.05 -10.41 -14.31
C THR A 79 -10.10 -10.46 -13.19
N GLU A 80 -10.60 -9.29 -12.80
CA GLU A 80 -11.60 -9.19 -11.72
C GLU A 80 -12.94 -9.78 -12.12
N LEU A 81 -13.30 -9.63 -13.39
CA LEU A 81 -14.50 -10.23 -13.92
C LEU A 81 -14.43 -11.75 -13.92
N ILE A 82 -13.28 -12.28 -14.37
CA ILE A 82 -13.02 -13.71 -14.36
C ILE A 82 -13.10 -14.26 -12.92
N LEU A 83 -12.48 -13.57 -11.97
CA LEU A 83 -12.50 -13.97 -10.55
C LEU A 83 -13.91 -13.99 -9.94
N GLN A 84 -14.79 -13.11 -10.40
CA GLN A 84 -16.20 -13.10 -9.96
C GLN A 84 -17.00 -14.34 -10.40
N HIS A 85 -16.63 -14.94 -11.53
CA HIS A 85 -17.26 -16.20 -12.01
C HIS A 85 -16.63 -17.45 -11.41
N GLN A 86 -15.84 -17.26 -10.36
CA GLN A 86 -15.01 -18.24 -9.74
C GLN A 86 -15.41 -18.46 -8.29
N ASN A 87 -16.01 -19.63 -8.09
CA ASN A 87 -16.34 -20.13 -6.81
C ASN A 87 -15.00 -20.66 -6.29
N PRO A 88 -14.49 -20.11 -5.16
CA PRO A 88 -13.20 -20.59 -4.66
C PRO A 88 -13.21 -22.04 -4.17
N GLN A 89 -14.35 -22.51 -3.64
CA GLN A 89 -14.54 -23.91 -3.21
C GLN A 89 -14.44 -24.92 -4.38
N GLN A 90 -14.84 -24.50 -5.60
CA GLN A 90 -14.79 -25.35 -6.81
C GLN A 90 -13.59 -25.11 -7.73
N LEU A 91 -12.62 -24.31 -7.30
CA LEU A 91 -11.51 -23.88 -8.17
C LEU A 91 -10.62 -25.07 -8.56
N SER A 92 -10.29 -25.92 -7.59
CA SER A 92 -9.50 -27.14 -7.82
C SER A 92 -10.16 -28.12 -8.78
N ALA A 93 -11.45 -28.40 -8.54
CA ALA A 93 -12.22 -29.33 -9.36
C ALA A 93 -12.33 -28.85 -10.81
N ASN A 94 -12.53 -27.54 -10.98
CA ASN A 94 -12.58 -26.93 -12.32
C ASN A 94 -11.24 -27.01 -13.06
N LEU A 95 -10.14 -26.83 -12.32
CA LEU A 95 -8.79 -26.97 -12.89
C LEU A 95 -8.60 -28.39 -13.44
N TRP A 96 -8.81 -29.38 -12.59
CA TRP A 96 -8.60 -30.77 -12.95
C TRP A 96 -9.58 -31.25 -14.02
N ALA A 97 -10.80 -30.70 -14.02
CA ALA A 97 -11.74 -30.94 -15.11
C ALA A 97 -11.20 -30.39 -16.44
N ALA A 98 -10.62 -29.20 -16.40
CA ALA A 98 -10.02 -28.59 -17.59
C ALA A 98 -8.80 -29.37 -18.07
N VAL A 99 -8.00 -29.86 -17.12
CA VAL A 99 -6.84 -30.68 -17.43
C VAL A 99 -7.26 -31.98 -18.11
N ARG A 100 -8.25 -32.67 -17.55
CA ARG A 100 -8.81 -33.88 -18.16
C ARG A 100 -9.44 -33.68 -19.52
N ALA A 101 -10.08 -32.53 -19.73
CA ALA A 101 -10.69 -32.20 -21.03
C ALA A 101 -9.68 -32.15 -22.19
N ARG A 102 -8.41 -31.90 -21.89
CA ARG A 102 -7.32 -31.95 -22.90
C ARG A 102 -6.57 -33.31 -22.93
N GLY A 103 -7.14 -34.36 -22.32
CA GLY A 103 -6.50 -35.67 -22.21
C GLY A 103 -5.26 -35.71 -21.32
N CYS A 104 -5.18 -34.79 -20.36
CA CYS A 104 -4.04 -34.69 -19.46
C CYS A 104 -4.44 -35.04 -18.03
N GLN A 105 -3.45 -35.18 -17.15
CA GLN A 105 -3.71 -35.54 -15.75
C GLN A 105 -2.55 -35.19 -14.83
N PHE A 106 -2.90 -34.87 -13.58
CA PHE A 106 -1.95 -34.64 -12.50
C PHE A 106 -2.23 -35.68 -11.44
N LEU A 107 -1.28 -36.58 -11.23
CA LEU A 107 -1.39 -37.72 -10.32
C LEU A 107 -1.04 -37.44 -8.84
N GLY A 108 -0.81 -36.18 -8.50
CA GLY A 108 -0.44 -35.78 -7.14
C GLY A 108 1.02 -35.38 -7.15
N PRO A 109 1.45 -34.55 -6.16
CA PRO A 109 2.84 -34.06 -6.13
C PRO A 109 3.90 -35.15 -6.15
N ALA A 110 3.75 -36.18 -5.32
CA ALA A 110 4.76 -37.25 -5.20
C ALA A 110 4.86 -38.07 -6.48
N MET A 111 3.71 -38.53 -6.96
CA MET A 111 3.66 -39.44 -8.11
C MET A 111 4.04 -38.76 -9.42
N GLN A 112 3.65 -37.50 -9.61
CA GLN A 112 4.07 -36.74 -10.81
C GLN A 112 5.56 -36.51 -10.86
N GLU A 113 6.14 -36.16 -9.72
CA GLU A 113 7.59 -35.98 -9.62
C GLU A 113 8.30 -37.24 -10.11
N GLU A 114 7.95 -38.36 -9.50
CA GLU A 114 8.51 -39.68 -9.86
C GLU A 114 8.32 -40.03 -11.33
N ALA A 115 7.12 -39.78 -11.84
CA ALA A 115 6.80 -40.03 -13.24
C ALA A 115 7.70 -39.23 -14.18
N LEU A 116 7.85 -37.94 -13.92
CA LEU A 116 8.68 -37.06 -14.73
C LEU A 116 10.16 -37.44 -14.66
N LYS A 117 10.60 -37.88 -13.48
CA LYS A 117 11.97 -38.41 -13.31
C LYS A 117 12.19 -39.67 -14.14
N LEU A 118 11.20 -40.56 -14.16
CA LEU A 118 11.23 -41.76 -15.01
C LEU A 118 11.22 -41.45 -16.51
N VAL A 119 10.52 -40.38 -16.92
CA VAL A 119 10.59 -39.90 -18.30
C VAL A 119 12.00 -39.43 -18.64
N LEU A 120 12.63 -38.72 -17.71
CA LEU A 120 14.03 -38.29 -17.87
C LEU A 120 15.00 -39.47 -17.92
N LEU A 121 14.79 -40.47 -17.07
CA LEU A 121 15.60 -41.70 -17.11
C LEU A 121 15.62 -42.31 -18.51
N ALA A 122 14.47 -42.31 -19.19
CA ALA A 122 14.35 -42.80 -20.56
C ALA A 122 14.98 -41.89 -21.61
N LEU A 123 14.76 -40.58 -21.48
CA LEU A 123 15.05 -39.63 -22.57
C LEU A 123 16.18 -38.60 -22.35
N GLU A 124 16.74 -38.53 -21.14
CA GLU A 124 17.94 -37.70 -20.83
C GLU A 124 19.02 -37.72 -21.92
N ASP A 125 19.37 -38.93 -22.35
CA ASP A 125 20.47 -39.15 -23.30
C ASP A 125 20.18 -38.74 -24.76
N GLY A 126 18.92 -38.44 -25.07
CA GLY A 126 18.51 -38.11 -26.43
C GLY A 126 17.94 -39.31 -27.18
N SER A 127 17.60 -40.37 -26.46
CA SER A 127 16.95 -41.55 -27.06
C SER A 127 15.62 -41.18 -27.68
N ALA A 128 15.24 -41.93 -28.71
CA ALA A 128 13.95 -41.77 -29.36
C ALA A 128 13.13 -43.03 -29.14
N LEU A 129 12.07 -42.90 -28.33
CA LEU A 129 11.16 -44.00 -28.03
C LEU A 129 9.77 -43.69 -28.55
N SER A 130 8.97 -44.74 -28.73
CA SER A 130 7.57 -44.58 -29.09
C SER A 130 6.78 -44.27 -27.82
N ARG A 131 5.61 -43.66 -28.01
CA ARG A 131 4.71 -43.33 -26.91
C ARG A 131 4.36 -44.55 -26.08
N LYS A 132 4.03 -45.67 -26.74
CA LYS A 132 3.72 -46.92 -26.04
C LYS A 132 4.90 -47.43 -25.20
N VAL A 133 6.10 -47.38 -25.78
CA VAL A 133 7.32 -47.84 -25.10
C VAL A 133 7.67 -46.91 -23.94
N LEU A 134 7.55 -45.59 -24.16
CA LEU A 134 7.78 -44.60 -23.10
C LEU A 134 6.82 -44.75 -21.93
N VAL A 135 5.54 -44.97 -22.22
CA VAL A 135 4.54 -45.14 -21.18
C VAL A 135 4.85 -46.37 -20.31
N LEU A 136 5.14 -47.49 -20.98
CA LEU A 136 5.46 -48.75 -20.28
C LEU A 136 6.72 -48.64 -19.42
N PHE A 137 7.77 -48.04 -20.00
CA PHE A 137 9.02 -47.72 -19.27
C PHE A 137 8.72 -47.09 -17.91
N VAL A 138 7.82 -46.12 -17.89
CA VAL A 138 7.44 -45.39 -16.68
C VAL A 138 6.53 -46.25 -15.78
N VAL A 139 5.47 -46.83 -16.35
CA VAL A 139 4.48 -47.60 -15.56
C VAL A 139 5.14 -48.74 -14.79
N GLN A 140 6.00 -49.51 -15.48
CA GLN A 140 6.74 -50.62 -14.87
C GLN A 140 7.53 -50.16 -13.64
N ARG A 141 8.39 -49.16 -13.85
CA ARG A 141 9.24 -48.63 -12.80
C ARG A 141 8.50 -47.90 -11.68
N LEU A 142 7.32 -47.37 -12.00
CA LEU A 142 6.51 -46.60 -11.05
C LEU A 142 5.56 -47.47 -10.22
N GLU A 143 5.11 -48.60 -10.77
CA GLU A 143 4.09 -49.46 -10.13
C GLU A 143 4.42 -49.91 -8.69
N PRO A 144 5.69 -50.30 -8.42
CA PRO A 144 6.05 -50.72 -7.05
C PRO A 144 5.78 -49.67 -5.97
N ARG A 145 6.29 -48.46 -6.17
CA ARG A 145 6.05 -47.34 -5.24
C ARG A 145 4.61 -46.78 -5.31
N PHE A 146 3.97 -46.87 -6.47
CA PHE A 146 2.60 -46.37 -6.68
C PHE A 146 1.75 -47.41 -7.44
N PRO A 147 1.03 -48.29 -6.71
CA PRO A 147 0.30 -49.40 -7.37
C PRO A 147 -0.86 -48.98 -8.30
N GLN A 148 -1.41 -47.78 -8.09
CA GLN A 148 -2.46 -47.24 -8.97
C GLN A 148 -2.00 -46.88 -10.40
N ALA A 149 -0.69 -46.81 -10.63
CA ALA A 149 -0.14 -46.49 -11.96
C ALA A 149 -0.69 -47.41 -13.06
N SER A 150 -0.96 -46.83 -14.23
CA SER A 150 -1.55 -47.55 -15.36
C SER A 150 -1.10 -46.93 -16.69
N LYS A 151 -1.34 -47.66 -17.78
CA LYS A 151 -1.08 -47.12 -19.11
C LYS A 151 -1.93 -45.87 -19.38
N THR A 152 -3.18 -45.89 -18.93
CA THR A 152 -4.09 -44.75 -19.07
C THR A 152 -3.61 -43.52 -18.30
N SER A 153 -3.36 -43.69 -17.00
CA SER A 153 -2.98 -42.57 -16.12
C SER A 153 -1.65 -41.95 -16.54
N ILE A 154 -0.69 -42.79 -16.89
CA ILE A 154 0.63 -42.34 -17.31
C ILE A 154 0.61 -41.80 -18.75
N GLY A 155 -0.29 -42.34 -19.58
CA GLY A 155 -0.53 -41.79 -20.91
C GLY A 155 -0.99 -40.34 -20.84
N HIS A 156 -1.84 -40.03 -19.86
CA HIS A 156 -2.32 -38.66 -19.64
C HIS A 156 -1.18 -37.71 -19.25
N VAL A 157 -0.22 -38.20 -18.46
CA VAL A 157 0.96 -37.41 -18.08
C VAL A 157 1.85 -37.15 -19.30
N VAL A 158 2.05 -38.18 -20.12
CA VAL A 158 2.85 -38.04 -21.34
C VAL A 158 2.19 -37.06 -22.31
N GLN A 159 0.86 -37.11 -22.39
CA GLN A 159 0.08 -36.16 -23.20
C GLN A 159 0.26 -34.71 -22.74
N LEU A 160 0.32 -34.50 -21.43
CA LEU A 160 0.61 -33.17 -20.88
C LEU A 160 1.91 -32.61 -21.43
N LEU A 161 2.95 -33.44 -21.42
CA LEU A 161 4.26 -33.06 -21.93
C LEU A 161 4.27 -32.87 -23.44
N TYR A 162 3.48 -33.68 -24.14
CA TYR A 162 3.26 -33.52 -25.58
C TYR A 162 2.60 -32.19 -25.90
N ARG A 163 1.52 -31.87 -25.17
CA ARG A 163 0.82 -30.59 -25.36
C ARG A 163 1.72 -29.38 -25.06
N ALA A 164 2.68 -29.57 -24.15
CA ALA A 164 3.67 -28.55 -23.82
C ALA A 164 4.83 -28.39 -24.80
N SER A 165 4.83 -29.16 -25.90
CA SER A 165 5.92 -29.15 -26.89
C SER A 165 7.29 -29.51 -26.30
N CYS A 166 7.30 -30.48 -25.38
CA CYS A 166 8.54 -31.00 -24.80
C CYS A 166 9.26 -31.98 -25.73
N PHE A 167 8.53 -32.59 -26.66
CA PHE A 167 9.06 -33.65 -27.54
C PHE A 167 9.38 -33.16 -28.96
N LYS A 168 10.48 -33.65 -29.54
CA LYS A 168 10.71 -33.62 -30.98
C LYS A 168 10.14 -34.93 -31.50
N VAL A 169 9.16 -34.86 -32.39
CA VAL A 169 8.44 -36.03 -32.88
C VAL A 169 8.86 -36.35 -34.31
N THR A 170 9.25 -37.60 -34.54
CA THR A 170 9.69 -38.10 -35.85
C THR A 170 8.69 -39.15 -36.35
N LYS A 171 8.03 -38.86 -37.47
CA LYS A 171 7.07 -39.80 -38.07
C LYS A 171 7.79 -40.92 -38.83
N ARG A 172 7.17 -42.09 -38.88
CA ARG A 172 7.66 -43.26 -39.63
C ARG A 172 6.50 -43.85 -40.43
N ASP A 173 6.76 -44.23 -41.68
CA ASP A 173 5.71 -44.77 -42.56
C ASP A 173 5.11 -46.06 -42.01
N GLU A 174 3.80 -46.02 -41.77
CA GLU A 174 3.03 -47.17 -41.25
C GLU A 174 3.56 -47.72 -39.92
N ASP A 175 3.99 -46.83 -39.02
CA ASP A 175 4.51 -47.23 -37.71
C ASP A 175 4.38 -46.10 -36.68
N SER A 176 4.58 -46.45 -35.40
CA SER A 176 4.49 -45.51 -34.30
C SER A 176 5.58 -44.46 -34.41
N SER A 177 5.22 -43.20 -34.19
CA SER A 177 6.19 -42.10 -34.21
C SER A 177 7.19 -42.24 -33.05
N LEU A 178 8.40 -41.76 -33.27
CA LEU A 178 9.44 -41.72 -32.24
C LEU A 178 9.47 -40.33 -31.61
N MET A 179 9.77 -40.28 -30.32
CA MET A 179 9.77 -39.03 -29.54
C MET A 179 11.06 -38.86 -28.74
N GLN A 180 11.71 -37.72 -28.92
CA GLN A 180 12.87 -37.31 -28.12
C GLN A 180 12.51 -36.10 -27.28
N LEU A 181 13.01 -36.04 -26.05
CA LEU A 181 12.98 -34.79 -25.28
C LEU A 181 13.87 -33.79 -26.01
N LYS A 182 13.38 -32.56 -26.17
CA LYS A 182 14.19 -31.49 -26.73
C LYS A 182 15.32 -31.20 -25.76
N GLU A 183 16.46 -30.76 -26.29
CA GLU A 183 17.69 -30.55 -25.51
C GLU A 183 17.43 -29.72 -24.25
N GLU A 184 16.66 -28.65 -24.42
CA GLU A 184 16.34 -27.71 -23.34
C GLU A 184 15.52 -28.29 -22.18
N PHE A 185 14.89 -29.46 -22.37
CA PHE A 185 14.12 -30.10 -21.29
C PHE A 185 14.72 -31.43 -20.80
N ARG A 186 16.03 -31.64 -21.01
CA ARG A 186 16.70 -32.88 -20.56
C ARG A 186 17.30 -32.79 -19.14
N SER A 187 16.73 -31.92 -18.30
CA SER A 187 16.99 -31.90 -16.86
C SER A 187 15.65 -31.81 -16.15
N TYR A 188 15.59 -32.28 -14.91
CA TYR A 188 14.35 -32.26 -14.15
C TYR A 188 13.80 -30.84 -13.93
N GLU A 189 14.69 -29.90 -13.62
CA GLU A 189 14.26 -28.55 -13.28
C GLU A 189 13.60 -27.88 -14.49
N ALA A 190 14.22 -28.02 -15.66
CA ALA A 190 13.65 -27.50 -16.91
C ALA A 190 12.35 -28.21 -17.32
N LEU A 191 12.32 -29.53 -17.17
CA LEU A 191 11.14 -30.32 -17.55
C LEU A 191 9.95 -30.05 -16.65
N ARG A 192 10.19 -29.99 -15.33
CA ARG A 192 9.12 -29.73 -14.38
C ARG A 192 8.55 -28.31 -14.54
N ARG A 193 9.42 -27.33 -14.80
CA ARG A 193 8.97 -25.96 -15.07
C ARG A 193 7.98 -25.91 -16.23
N GLU A 194 8.38 -26.48 -17.37
CA GLU A 194 7.53 -26.53 -18.56
C GLU A 194 6.23 -27.30 -18.32
N HIS A 195 6.33 -28.39 -17.57
CA HIS A 195 5.16 -29.14 -17.11
C HIS A 195 4.21 -28.26 -16.28
N ASP A 196 4.77 -27.55 -15.30
CA ASP A 196 3.99 -26.65 -14.44
C ASP A 196 3.34 -25.53 -15.26
N ALA A 197 4.15 -24.89 -16.10
CA ALA A 197 3.68 -23.88 -17.06
C ALA A 197 2.52 -24.33 -17.95
N GLN A 198 2.55 -25.59 -18.36
CA GLN A 198 1.50 -26.16 -19.21
C GLN A 198 0.17 -26.28 -18.47
N ILE A 199 0.21 -26.63 -17.19
CA ILE A 199 -0.99 -26.70 -16.36
C ILE A 199 -1.54 -25.29 -16.10
N VAL A 200 -0.63 -24.31 -15.92
CA VAL A 200 -1.01 -22.91 -15.78
C VAL A 200 -1.70 -22.47 -17.09
N HIS A 201 -1.11 -22.80 -18.22
CA HIS A 201 -1.70 -22.54 -19.53
C HIS A 201 -3.12 -23.05 -19.72
N ILE A 202 -3.33 -24.30 -19.32
CA ILE A 202 -4.65 -24.92 -19.40
C ILE A 202 -5.67 -24.18 -18.53
N ALA A 203 -5.25 -23.81 -17.32
CA ALA A 203 -6.09 -23.03 -16.41
C ALA A 203 -6.47 -21.69 -17.04
N MET A 204 -5.47 -21.00 -17.60
CA MET A 204 -5.69 -19.71 -18.26
C MET A 204 -6.71 -19.83 -19.37
N GLU A 205 -6.51 -20.80 -20.25
CA GLU A 205 -7.42 -21.07 -21.39
C GLU A 205 -8.86 -21.40 -20.98
N ALA A 206 -9.05 -22.02 -19.81
CA ALA A 206 -10.38 -22.30 -19.26
C ALA A 206 -10.96 -21.12 -18.45
N GLY A 207 -10.28 -19.97 -18.47
CA GLY A 207 -10.71 -18.80 -17.72
C GLY A 207 -10.63 -18.93 -16.21
N LEU A 208 -9.59 -19.61 -15.72
CA LEU A 208 -9.34 -19.74 -14.29
C LEU A 208 -8.13 -18.89 -13.94
N ARG A 209 -8.19 -18.20 -12.82
CA ARG A 209 -7.10 -17.35 -12.36
C ARG A 209 -6.77 -17.78 -10.93
N ILE A 210 -5.59 -18.35 -10.77
CA ILE A 210 -5.17 -19.01 -9.54
C ILE A 210 -3.88 -18.34 -9.07
N SER A 211 -3.79 -18.07 -7.76
CA SER A 211 -2.63 -17.37 -7.20
C SER A 211 -1.42 -18.31 -7.08
N PRO A 212 -0.20 -17.75 -7.03
CA PRO A 212 1.01 -18.54 -6.75
C PRO A 212 0.93 -19.46 -5.54
N GLU A 213 0.36 -18.96 -4.44
CA GLU A 213 0.16 -19.75 -3.23
C GLU A 213 -0.76 -20.95 -3.47
N GLN A 214 -1.86 -20.73 -4.18
CA GLN A 214 -2.78 -21.81 -4.55
C GLN A 214 -2.10 -22.83 -5.48
N TRP A 215 -1.34 -22.33 -6.45
CA TRP A 215 -0.58 -23.18 -7.38
C TRP A 215 0.47 -24.05 -6.69
N SER A 216 1.21 -23.47 -5.74
CA SER A 216 2.18 -24.23 -4.93
C SER A 216 1.52 -25.39 -4.20
N SER A 217 0.35 -25.11 -3.60
CA SER A 217 -0.41 -26.12 -2.89
C SER A 217 -0.93 -27.22 -3.84
N LEU A 218 -1.46 -26.80 -4.99
CA LEU A 218 -2.01 -27.74 -5.98
C LEU A 218 -0.96 -28.66 -6.60
N LEU A 219 0.20 -28.10 -6.93
CA LEU A 219 1.23 -28.81 -7.68
C LEU A 219 2.36 -29.42 -6.84
N TYR A 220 2.58 -28.90 -5.63
CA TYR A 220 3.63 -29.40 -4.73
C TYR A 220 3.18 -29.85 -3.34
N GLY A 221 1.93 -29.56 -2.96
CA GLY A 221 1.43 -29.90 -1.62
C GLY A 221 2.07 -29.11 -0.48
N ASP A 222 2.66 -27.96 -0.81
CA ASP A 222 3.25 -27.07 0.20
C ASP A 222 3.11 -25.61 -0.25
N LEU A 223 3.57 -24.69 0.58
CA LEU A 223 3.61 -23.26 0.23
C LEU A 223 5.03 -22.77 -0.06
N ALA A 224 5.96 -23.70 -0.26
CA ALA A 224 7.36 -23.39 -0.52
C ALA A 224 7.71 -23.23 -2.00
N HIS A 225 6.71 -23.25 -2.89
CA HIS A 225 6.92 -23.04 -4.33
C HIS A 225 6.17 -21.82 -4.90
N LYS A 226 5.78 -20.86 -4.04
CA LYS A 226 5.13 -19.62 -4.47
C LYS A 226 5.95 -18.90 -5.54
N SER A 227 7.23 -18.67 -5.22
CA SER A 227 8.15 -17.93 -6.08
C SER A 227 8.32 -18.59 -7.45
N HIS A 228 8.50 -19.91 -7.44
CA HIS A 228 8.62 -20.70 -8.68
C HIS A 228 7.39 -20.54 -9.56
N MET A 229 6.20 -20.69 -8.96
CA MET A 229 4.94 -20.51 -9.69
C MET A 229 4.71 -19.06 -10.13
N GLN A 230 5.07 -18.12 -9.26
CA GLN A 230 5.02 -16.70 -9.58
C GLN A 230 5.90 -16.37 -10.78
N SER A 231 7.10 -16.94 -10.81
CA SER A 231 8.03 -16.81 -11.96
C SER A 231 7.38 -17.27 -13.27
N ILE A 232 6.73 -18.43 -13.22
CA ILE A 232 6.05 -18.99 -14.40
C ILE A 232 4.92 -18.08 -14.87
N ILE A 233 4.11 -17.60 -13.93
CA ILE A 233 2.96 -16.72 -14.24
C ILE A 233 3.44 -15.42 -14.90
N ASP A 234 4.45 -14.79 -14.32
CA ASP A 234 5.00 -13.54 -14.84
C ASP A 234 5.66 -13.67 -16.21
N LYS A 235 6.28 -14.82 -16.50
CA LYS A 235 6.87 -15.07 -17.83
C LYS A 235 5.81 -15.29 -18.91
N LEU A 236 4.64 -15.79 -18.53
CA LEU A 236 3.51 -15.92 -19.48
C LEU A 236 2.79 -14.58 -19.75
N GLN A 237 3.05 -13.56 -18.93
CA GLN A 237 2.55 -12.19 -19.10
C GLN A 237 3.27 -11.47 -20.23
N SER A 238 2.52 -11.07 -21.26
CA SER A 238 3.02 -10.32 -22.41
C SER A 238 2.00 -9.22 -22.75
N PRO A 239 2.30 -8.37 -23.76
CA PRO A 239 1.26 -7.47 -24.28
C PRO A 239 0.09 -8.18 -24.98
N GLU A 240 0.25 -9.43 -25.37
CA GLU A 240 -0.84 -10.22 -25.95
C GLU A 240 -1.82 -10.78 -24.90
N SER A 241 -1.40 -10.76 -23.63
CA SER A 241 -2.20 -11.31 -22.53
C SER A 241 -3.56 -10.68 -22.39
N PHE A 242 -3.62 -9.36 -22.54
CA PHE A 242 -4.86 -8.61 -22.39
C PHE A 242 -5.88 -9.17 -23.40
N ALA A 243 -5.52 -9.16 -24.68
CA ALA A 243 -6.43 -9.67 -25.71
C ALA A 243 -6.82 -11.15 -25.51
N LYS A 244 -5.88 -11.99 -25.07
CA LYS A 244 -6.19 -13.39 -24.76
C LYS A 244 -7.11 -13.55 -23.55
N SER A 245 -6.94 -12.70 -22.55
CA SER A 245 -7.82 -12.68 -21.37
C SER A 245 -9.27 -12.30 -21.69
N VAL A 246 -9.46 -11.45 -22.70
CA VAL A 246 -10.80 -11.07 -23.16
C VAL A 246 -11.48 -12.29 -23.79
N GLN A 247 -10.77 -12.97 -24.68
CA GLN A 247 -11.26 -14.25 -25.27
C GLN A 247 -11.58 -15.30 -24.20
N GLU A 248 -10.74 -15.34 -23.18
CA GLU A 248 -10.92 -16.24 -22.04
C GLU A 248 -12.19 -15.92 -21.23
N LEU A 249 -12.45 -14.64 -21.00
CA LEU A 249 -13.70 -14.19 -20.37
C LEU A 249 -14.92 -14.56 -21.23
N THR A 250 -14.80 -14.41 -22.55
CA THR A 250 -15.85 -14.83 -23.47
C THR A 250 -16.21 -16.31 -23.28
N ILE A 251 -15.18 -17.16 -23.10
CA ILE A 251 -15.38 -18.59 -22.83
C ILE A 251 -16.08 -18.81 -21.49
N VAL A 252 -15.71 -18.05 -20.47
CA VAL A 252 -16.38 -18.12 -19.17
C VAL A 252 -17.85 -17.70 -19.28
N LEU A 253 -18.13 -16.63 -20.02
CA LEU A 253 -19.49 -16.10 -20.18
C LEU A 253 -20.37 -17.02 -21.00
N GLN A 254 -19.82 -17.63 -22.06
CA GLN A 254 -20.53 -18.64 -22.85
C GLN A 254 -20.91 -19.86 -22.00
N ARG A 255 -20.05 -20.21 -21.06
CA ARG A 255 -20.31 -21.30 -20.10
C ARG A 255 -21.38 -20.95 -19.07
N THR A 256 -21.45 -19.67 -18.67
CA THR A 256 -22.41 -19.19 -17.66
C THR A 256 -23.73 -18.62 -18.20
N GLY A 257 -23.74 -18.15 -19.45
CA GLY A 257 -24.96 -17.60 -20.09
C GLY A 257 -24.98 -16.08 -20.24
N ASP A 258 -24.28 -15.38 -19.34
CA ASP A 258 -24.10 -13.91 -19.40
C ASP A 258 -25.39 -13.11 -19.11
N PRO A 259 -25.93 -13.23 -17.88
CA PRO A 259 -27.14 -12.48 -17.49
C PRO A 259 -26.97 -10.95 -17.58
N ALA A 260 -25.84 -10.43 -17.11
CA ALA A 260 -25.57 -8.99 -17.07
C ALA A 260 -25.09 -8.40 -18.40
N ASN A 261 -25.01 -9.21 -19.45
CA ASN A 261 -24.54 -8.76 -20.76
C ASN A 261 -23.17 -8.07 -20.71
N LEU A 262 -22.24 -8.69 -19.98
CA LEU A 262 -20.85 -8.25 -19.96
C LEU A 262 -20.21 -8.27 -21.36
N ASN A 263 -20.79 -9.01 -22.30
CA ASN A 263 -20.38 -8.96 -23.70
C ASN A 263 -20.46 -7.55 -24.33
N ARG A 264 -21.32 -6.67 -23.81
CA ARG A 264 -21.38 -5.26 -24.27
C ARG A 264 -20.04 -4.54 -24.12
N LEU A 265 -19.25 -4.94 -23.12
CA LEU A 265 -17.93 -4.37 -22.86
C LEU A 265 -16.84 -4.78 -23.87
N ARG A 266 -17.13 -5.75 -24.75
CA ARG A 266 -16.11 -6.35 -25.63
C ARG A 266 -15.34 -5.33 -26.50
N PRO A 267 -16.03 -4.43 -27.22
CA PRO A 267 -15.28 -3.46 -28.05
C PRO A 267 -14.50 -2.41 -27.24
N HIS A 268 -14.93 -2.13 -26.00
CA HIS A 268 -14.19 -1.27 -25.07
C HIS A 268 -12.91 -1.94 -24.59
N LEU A 269 -13.02 -3.20 -24.18
CA LEU A 269 -11.86 -4.01 -23.76
C LEU A 269 -10.89 -4.23 -24.92
N GLU A 270 -11.43 -4.41 -26.13
CA GLU A 270 -10.61 -4.54 -27.34
C GLU A 270 -9.83 -3.26 -27.65
N LEU A 271 -10.50 -2.11 -27.55
CA LEU A 271 -9.86 -0.81 -27.72
C LEU A 271 -8.73 -0.61 -26.72
N LEU A 272 -9.00 -0.93 -25.45
CA LEU A 272 -8.01 -0.82 -24.40
C LEU A 272 -6.85 -1.80 -24.61
N ALA A 273 -7.16 -3.02 -25.01
CA ALA A 273 -6.13 -4.03 -25.34
C ALA A 273 -5.25 -3.62 -26.53
N ASN A 274 -5.79 -2.82 -27.44
CA ASN A 274 -5.03 -2.32 -28.59
C ASN A 274 -4.15 -1.08 -28.31
N ILE A 275 -4.21 -0.53 -27.10
CA ILE A 275 -3.31 0.56 -26.69
C ILE A 275 -1.89 0.00 -26.56
N ASP A 276 -0.91 0.79 -27.03
CA ASP A 276 0.49 0.43 -26.94
C ASP A 276 0.98 0.63 -25.49
N PRO A 277 1.40 -0.47 -24.82
CA PRO A 277 1.88 -0.36 -23.44
C PRO A 277 3.34 0.09 -23.29
N ASN A 278 4.08 0.18 -24.40
CA ASN A 278 5.48 0.62 -24.35
C ASN A 278 5.57 2.10 -23.95
N PRO A 279 6.59 2.46 -23.13
CA PRO A 279 6.74 3.85 -22.71
C PRO A 279 7.19 4.79 -23.85
N ASP A 280 7.88 4.24 -24.86
CA ASP A 280 8.26 5.00 -26.06
C ASP A 280 7.21 4.83 -27.17
N ALA A 281 5.93 5.01 -26.84
CA ALA A 281 4.82 4.86 -27.77
C ALA A 281 4.34 6.24 -28.22
N VAL A 282 3.79 6.31 -29.43
CA VAL A 282 3.31 7.57 -30.01
C VAL A 282 2.20 8.13 -29.12
N SER A 283 2.31 9.42 -28.77
CA SER A 283 1.35 10.07 -27.87
C SER A 283 -0.04 10.17 -28.52
N PRO A 284 -1.11 10.14 -27.70
CA PRO A 284 -2.45 10.03 -28.25
C PRO A 284 -2.99 11.34 -28.82
N THR A 285 -3.88 11.23 -29.80
CA THR A 285 -4.68 12.36 -30.24
C THR A 285 -5.75 12.61 -29.18
N TRP A 286 -6.36 13.79 -29.22
CA TRP A 286 -7.46 14.14 -28.30
C TRP A 286 -8.63 13.16 -28.40
N GLU A 287 -8.95 12.73 -29.62
CA GLU A 287 -10.00 11.74 -29.85
C GLU A 287 -9.65 10.39 -29.20
N GLN A 288 -8.42 9.94 -29.41
CA GLN A 288 -7.90 8.72 -28.77
C GLN A 288 -7.93 8.79 -27.23
N LEU A 289 -7.63 9.96 -26.67
CA LEU A 289 -7.69 10.14 -25.22
C LEU A 289 -9.10 10.00 -24.69
N GLU A 290 -10.07 10.67 -25.34
CA GLU A 290 -11.48 10.60 -24.94
C GLU A 290 -12.00 9.16 -25.01
N ASN A 291 -11.77 8.51 -26.15
CA ASN A 291 -12.21 7.13 -26.36
C ASN A 291 -11.66 6.14 -25.34
N ALA A 292 -10.39 6.29 -24.99
CA ALA A 292 -9.75 5.45 -23.97
C ALA A 292 -10.34 5.68 -22.57
N MET A 293 -10.58 6.93 -22.20
CA MET A 293 -11.16 7.26 -20.91
C MET A 293 -12.63 6.84 -20.78
N VAL A 294 -13.37 6.91 -21.89
CA VAL A 294 -14.77 6.45 -21.94
C VAL A 294 -14.81 4.92 -21.87
N ALA A 295 -13.95 4.26 -22.64
CA ALA A 295 -13.81 2.80 -22.62
C ALA A 295 -13.51 2.25 -21.22
N VAL A 296 -12.50 2.80 -20.56
CA VAL A 296 -12.12 2.35 -19.21
C VAL A 296 -13.19 2.68 -18.17
N LYS A 297 -13.84 3.83 -18.31
CA LYS A 297 -14.97 4.21 -17.45
C LYS A 297 -16.09 3.17 -17.53
N THR A 298 -16.51 2.86 -18.75
CA THR A 298 -17.57 1.87 -18.99
C THR A 298 -17.20 0.51 -18.45
N VAL A 299 -15.95 0.11 -18.64
CA VAL A 299 -15.45 -1.21 -18.21
C VAL A 299 -15.44 -1.37 -16.68
N VAL A 300 -14.94 -0.36 -15.97
CA VAL A 300 -14.88 -0.39 -14.50
C VAL A 300 -16.29 -0.26 -13.91
N HIS A 301 -17.15 0.52 -14.56
CA HIS A 301 -18.56 0.61 -14.20
C HIS A 301 -19.27 -0.72 -14.37
N GLY A 302 -18.99 -1.43 -15.47
CA GLY A 302 -19.50 -2.78 -15.70
C GLY A 302 -19.11 -3.79 -14.63
N LEU A 303 -17.89 -3.68 -14.11
CA LEU A 303 -17.42 -4.51 -12.99
C LEU A 303 -18.20 -4.22 -11.71
N VAL A 304 -18.38 -2.94 -11.40
CA VAL A 304 -19.09 -2.54 -10.18
C VAL A 304 -20.58 -2.88 -10.28
N ASP A 305 -21.19 -2.65 -11.44
CA ASP A 305 -22.56 -3.07 -11.71
C ASP A 305 -22.75 -4.58 -11.49
N PHE A 306 -21.76 -5.37 -11.92
CA PHE A 306 -21.82 -6.82 -11.76
C PHE A 306 -21.73 -7.26 -10.30
N ILE A 307 -20.77 -6.70 -9.57
CA ILE A 307 -20.56 -7.07 -8.16
C ILE A 307 -21.81 -6.79 -7.32
N GLN A 308 -22.42 -5.63 -7.53
CA GLN A 308 -23.59 -5.22 -6.74
C GLN A 308 -24.87 -5.95 -7.13
N ASN A 309 -25.15 -6.05 -8.43
CA ASN A 309 -26.42 -6.61 -8.92
C ASN A 309 -26.41 -8.11 -9.25
N TYR A 310 -25.30 -8.62 -9.77
CA TYR A 310 -25.21 -10.02 -10.22
C TYR A 310 -24.15 -10.82 -9.46
N SER A 311 -24.08 -10.64 -8.14
CA SER A 311 -23.17 -11.40 -7.29
C SER A 311 -23.52 -12.89 -7.33
N ARG A 312 -22.52 -13.74 -7.06
CA ARG A 312 -22.63 -15.18 -7.25
C ARG A 312 -22.27 -15.93 -5.97
N ASN B 3 -9.93 -21.07 42.67
CA ASN B 3 -9.17 -22.27 42.23
C ASN B 3 -7.98 -21.92 41.33
N LEU B 4 -7.13 -22.91 41.07
CA LEU B 4 -5.95 -22.72 40.21
C LEU B 4 -6.29 -22.57 38.71
N GLY B 5 -7.49 -23.00 38.31
CA GLY B 5 -8.01 -22.75 36.97
C GLY B 5 -8.34 -21.29 36.73
N GLU B 6 -8.71 -20.58 37.79
CA GLU B 6 -8.86 -19.13 37.73
C GLU B 6 -7.49 -18.45 37.72
N ASN B 7 -7.29 -17.55 36.76
CA ASN B 7 -6.09 -16.72 36.66
C ASN B 7 -6.45 -15.34 37.21
N LYS B 8 -5.82 -14.95 38.31
CA LYS B 8 -6.15 -13.68 38.99
C LYS B 8 -5.80 -12.44 38.14
N HIS B 9 -4.71 -12.52 37.38
CA HIS B 9 -4.32 -11.43 36.47
C HIS B 9 -5.36 -11.21 35.37
N TYR B 10 -5.81 -12.29 34.76
CA TYR B 10 -6.88 -12.25 33.75
C TYR B 10 -8.15 -11.57 34.27
N GLU B 11 -8.53 -11.87 35.51
CA GLU B 11 -9.77 -11.35 36.09
C GLU B 11 -9.71 -9.85 36.37
N VAL B 12 -8.55 -9.35 36.80
CA VAL B 12 -8.36 -7.91 37.02
C VAL B 12 -8.43 -7.15 35.69
N ALA B 13 -7.69 -7.66 34.71
CA ALA B 13 -7.72 -7.15 33.34
C ALA B 13 -9.14 -7.09 32.78
N LYS B 14 -9.87 -8.20 32.88
CA LYS B 14 -11.25 -8.29 32.42
C LYS B 14 -12.15 -7.26 33.11
N LYS B 15 -12.00 -7.15 34.44
CA LYS B 15 -12.80 -6.21 35.23
C LYS B 15 -12.51 -4.74 34.90
N CYS B 16 -11.22 -4.41 34.73
CA CYS B 16 -10.81 -3.06 34.28
C CYS B 16 -11.49 -2.67 32.97
N VAL B 17 -11.47 -3.58 31.99
CA VAL B 17 -12.10 -3.33 30.69
C VAL B 17 -13.62 -3.18 30.84
N GLU B 18 -14.25 -4.04 31.65
CA GLU B 18 -15.68 -3.93 31.96
C GLU B 18 -16.03 -2.59 32.59
N ASP B 19 -15.22 -2.16 33.55
CA ASP B 19 -15.36 -0.84 34.17
C ASP B 19 -15.26 0.31 33.18
N LEU B 20 -14.30 0.24 32.26
CA LEU B 20 -14.15 1.25 31.22
C LEU B 20 -15.30 1.22 30.21
N ALA B 21 -15.79 0.01 29.88
CA ALA B 21 -16.93 -0.15 28.97
C ALA B 21 -18.20 0.60 29.42
N LEU B 22 -18.33 0.84 30.73
CA LEU B 22 -19.44 1.63 31.26
C LEU B 22 -19.47 3.09 30.74
N TYR B 23 -18.31 3.65 30.36
CA TYR B 23 -18.27 4.99 29.74
C TYR B 23 -18.88 5.10 28.34
N LEU B 24 -19.13 3.96 27.68
CA LEU B 24 -19.75 3.97 26.34
C LEU B 24 -21.24 4.26 26.36
N LYS B 25 -21.96 3.69 27.33
CA LYS B 25 -23.43 3.71 27.31
C LYS B 25 -23.99 5.03 27.82
N ALA B 40 -19.69 13.13 29.41
CA ALA B 40 -19.25 12.04 28.53
C ALA B 40 -17.85 12.31 27.96
N LEU B 41 -17.41 11.42 27.07
CA LEU B 41 -16.11 11.47 26.38
C LEU B 41 -16.19 11.90 24.91
N SER B 42 -15.05 12.31 24.37
CA SER B 42 -14.95 12.71 22.95
C SER B 42 -15.08 11.51 22.02
N ARG B 43 -15.41 11.78 20.76
CA ARG B 43 -15.56 10.71 19.76
C ARG B 43 -14.29 9.86 19.58
N PRO B 44 -13.09 10.49 19.52
CA PRO B 44 -11.85 9.68 19.48
C PRO B 44 -11.66 8.77 20.68
N MET B 45 -12.01 9.26 21.87
CA MET B 45 -11.94 8.45 23.08
C MET B 45 -12.93 7.27 23.04
N GLN B 46 -14.14 7.53 22.55
CA GLN B 46 -15.15 6.48 22.36
C GLN B 46 -14.67 5.41 21.39
N ARG B 47 -14.12 5.82 20.25
CA ARG B 47 -13.60 4.88 19.26
C ARG B 47 -12.49 3.99 19.82
N LYS B 48 -11.58 4.59 20.59
CA LYS B 48 -10.47 3.86 21.21
C LYS B 48 -10.94 2.95 22.36
N LEU B 49 -11.97 3.38 23.10
CA LEU B 49 -12.61 2.52 24.12
C LEU B 49 -13.23 1.27 23.49
N VAL B 50 -13.95 1.47 22.38
CA VAL B 50 -14.57 0.38 21.63
C VAL B 50 -13.53 -0.65 21.18
N THR B 51 -12.42 -0.16 20.65
CA THR B 51 -11.32 -1.03 20.22
C THR B 51 -10.75 -1.89 21.36
N LEU B 52 -10.59 -1.28 22.54
CA LEU B 52 -10.10 -1.98 23.73
C LEU B 52 -11.09 -3.07 24.15
N VAL B 53 -12.36 -2.69 24.24
CA VAL B 53 -13.44 -3.57 24.67
C VAL B 53 -13.62 -4.79 23.74
N ASN B 54 -13.33 -4.62 22.45
CA ASN B 54 -13.43 -5.72 21.47
C ASN B 54 -12.26 -6.71 21.49
N CYS B 55 -11.16 -6.37 22.18
CA CYS B 55 -10.01 -7.27 22.29
C CYS B 55 -10.37 -8.51 23.13
N GLN B 56 -10.17 -9.70 22.58
CA GLN B 56 -10.46 -10.96 23.27
C GLN B 56 -9.28 -11.42 24.12
N LEU B 57 -9.41 -11.24 25.43
CA LEU B 57 -8.30 -11.45 26.37
C LEU B 57 -7.98 -12.94 26.60
N VAL B 58 -8.91 -13.81 26.22
CA VAL B 58 -8.67 -15.26 26.19
C VAL B 58 -7.69 -15.75 25.11
N GLU B 59 -7.46 -14.94 24.06
CA GLU B 59 -6.46 -15.22 23.02
C GLU B 59 -5.22 -14.36 23.20
N GLU B 60 -4.07 -14.92 22.84
CA GLU B 60 -2.80 -14.20 22.85
C GLU B 60 -2.80 -13.00 21.89
N GLU B 61 -3.41 -13.17 20.72
CA GLU B 61 -3.51 -12.09 19.73
C GLU B 61 -4.38 -10.92 20.24
N GLY B 62 -5.49 -11.23 20.89
CA GLY B 62 -6.33 -10.22 21.53
C GLY B 62 -5.68 -9.54 22.73
N ARG B 63 -4.82 -10.27 23.45
CA ARG B 63 -4.02 -9.69 24.53
C ARG B 63 -3.00 -8.68 24.00
N VAL B 64 -2.36 -8.99 22.87
CA VAL B 64 -1.44 -8.07 22.18
C VAL B 64 -2.18 -6.81 21.74
N ARG B 65 -3.36 -6.98 21.15
CA ARG B 65 -4.21 -5.84 20.74
C ARG B 65 -4.64 -4.98 21.91
N ALA B 66 -4.98 -5.61 23.03
CA ALA B 66 -5.38 -4.91 24.25
C ALA B 66 -4.28 -3.99 24.77
N MET B 67 -3.03 -4.42 24.66
CA MET B 67 -1.87 -3.63 25.09
C MET B 67 -1.71 -2.37 24.23
N ARG B 68 -1.81 -2.53 22.90
CA ARG B 68 -1.73 -1.42 21.97
C ARG B 68 -2.93 -0.47 22.06
N ALA B 69 -4.12 -1.05 22.27
CA ALA B 69 -5.33 -0.26 22.51
C ALA B 69 -5.25 0.56 23.79
N ALA B 70 -4.67 -0.02 24.83
CA ALA B 70 -4.45 0.68 26.10
C ALA B 70 -3.49 1.85 25.94
N ARG B 71 -2.38 1.60 25.24
CA ARG B 71 -1.42 2.66 24.90
C ARG B 71 -2.10 3.78 24.11
N SER B 72 -2.86 3.39 23.09
CA SER B 72 -3.54 4.35 22.21
C SER B 72 -4.52 5.22 23.00
N LEU B 73 -5.28 4.59 23.90
CA LEU B 73 -6.20 5.30 24.80
C LEU B 73 -5.47 6.29 25.68
N GLY B 74 -4.32 5.86 26.20
CA GLY B 74 -3.52 6.70 27.09
C GLY B 74 -2.90 7.92 26.41
N GLU B 75 -2.32 7.71 25.24
CA GLU B 75 -1.77 8.81 24.44
C GLU B 75 -2.83 9.86 24.11
N ARG B 76 -4.05 9.41 23.81
CA ARG B 76 -5.17 10.33 23.54
C ARG B 76 -5.58 11.10 24.78
N THR B 77 -5.52 10.45 25.95
CA THR B 77 -5.81 11.10 27.22
C THR B 77 -4.87 12.30 27.48
N VAL B 78 -3.56 12.10 27.28
CA VAL B 78 -2.56 13.16 27.49
C VAL B 78 -2.80 14.37 26.57
N THR B 79 -3.08 14.09 25.30
CA THR B 79 -3.41 15.12 24.32
C THR B 79 -4.59 15.97 24.77
N GLU B 80 -5.65 15.31 25.25
CA GLU B 80 -6.87 16.00 25.67
C GLU B 80 -6.62 16.83 26.95
N LEU B 81 -5.78 16.31 27.83
CA LEU B 81 -5.41 17.00 29.08
C LEU B 81 -4.64 18.29 28.74
N ILE B 82 -3.68 18.21 27.83
CA ILE B 82 -2.91 19.37 27.35
C ILE B 82 -3.80 20.43 26.68
N LEU B 83 -4.69 19.97 25.80
CA LEU B 83 -5.62 20.88 25.14
C LEU B 83 -6.54 21.63 26.10
N GLN B 84 -6.90 21.01 27.22
CA GLN B 84 -7.72 21.66 28.25
C GLN B 84 -7.02 22.84 28.93
N HIS B 85 -5.69 22.77 29.05
CA HIS B 85 -4.88 23.84 29.65
C HIS B 85 -4.36 24.91 28.65
N GLN B 86 -4.83 24.92 27.39
CA GLN B 86 -4.16 25.72 26.30
C GLN B 86 -5.02 26.89 25.85
N ASN B 87 -4.58 28.14 26.06
CA ASN B 87 -5.36 29.34 25.64
C ASN B 87 -5.52 29.54 24.11
N PRO B 88 -6.75 29.31 23.56
CA PRO B 88 -6.91 29.47 22.09
C PRO B 88 -6.75 30.91 21.55
N GLN B 89 -7.13 31.91 22.35
CA GLN B 89 -6.93 33.31 21.97
C GLN B 89 -5.48 33.67 21.72
N GLN B 90 -4.61 33.16 22.59
CA GLN B 90 -3.20 33.52 22.57
C GLN B 90 -2.35 32.56 21.73
N LEU B 91 -2.96 31.65 20.99
CA LEU B 91 -2.22 30.58 20.33
C LEU B 91 -1.30 31.07 19.20
N SER B 92 -1.82 31.96 18.35
CA SER B 92 -1.05 32.57 17.27
C SER B 92 0.12 33.40 17.79
N ALA B 93 -0.15 34.24 18.80
CA ALA B 93 0.87 35.12 19.38
C ALA B 93 2.01 34.33 20.01
N ASN B 94 1.65 33.24 20.70
CA ASN B 94 2.65 32.34 21.29
C ASN B 94 3.49 31.63 20.24
N LEU B 95 2.88 31.23 19.13
CA LEU B 95 3.62 30.62 18.01
C LEU B 95 4.68 31.58 17.50
N TRP B 96 4.25 32.77 17.10
CA TRP B 96 5.15 33.75 16.51
C TRP B 96 6.19 34.26 17.49
N ALA B 97 5.84 34.31 18.78
CA ALA B 97 6.82 34.59 19.83
C ALA B 97 7.89 33.50 19.88
N ALA B 98 7.47 32.24 19.79
CA ALA B 98 8.39 31.10 19.77
C ALA B 98 9.27 31.10 18.53
N VAL B 99 8.69 31.48 17.39
CA VAL B 99 9.43 31.59 16.12
C VAL B 99 10.51 32.68 16.22
N ARG B 100 10.13 33.86 16.70
CA ARG B 100 11.08 34.97 16.93
C ARG B 100 12.19 34.66 17.93
N ALA B 101 11.86 33.91 18.98
CA ALA B 101 12.85 33.50 19.99
C ALA B 101 14.03 32.70 19.40
N ARG B 102 13.82 32.03 18.26
CA ARG B 102 14.89 31.31 17.54
C ARG B 102 15.54 32.11 16.40
N GLY B 103 15.30 33.42 16.36
CA GLY B 103 15.77 34.29 15.29
C GLY B 103 15.13 34.05 13.94
N CYS B 104 13.91 33.51 13.93
CA CYS B 104 13.19 33.20 12.71
C CYS B 104 11.98 34.12 12.55
N GLN B 105 11.34 34.06 11.38
CA GLN B 105 10.18 34.91 11.09
C GLN B 105 9.33 34.37 9.94
N PHE B 106 8.03 34.65 10.03
CA PHE B 106 7.08 34.34 8.97
C PHE B 106 6.48 35.67 8.55
N LEU B 107 6.75 36.08 7.31
CA LEU B 107 6.34 37.38 6.75
C LEU B 107 4.94 37.44 6.15
N GLY B 108 4.15 36.38 6.32
CA GLY B 108 2.81 36.28 5.75
C GLY B 108 2.84 35.29 4.60
N PRO B 109 1.68 34.71 4.26
CA PRO B 109 1.63 33.70 3.19
C PRO B 109 2.19 34.14 1.83
N ALA B 110 1.80 35.32 1.36
CA ALA B 110 2.24 35.81 0.04
C ALA B 110 3.74 36.08 -0.01
N MET B 111 4.23 36.83 0.98
CA MET B 111 5.62 37.27 1.01
C MET B 111 6.61 36.13 1.27
N GLN B 112 6.23 35.18 2.14
CA GLN B 112 7.09 34.00 2.37
C GLN B 112 7.22 33.13 1.14
N GLU B 113 6.12 32.93 0.43
CA GLU B 113 6.14 32.14 -0.81
C GLU B 113 7.15 32.74 -1.78
N GLU B 114 6.98 34.03 -2.05
CA GLU B 114 7.89 34.74 -2.95
C GLU B 114 9.35 34.70 -2.49
N ALA B 115 9.57 34.88 -1.18
CA ALA B 115 10.91 34.82 -0.60
C ALA B 115 11.58 33.47 -0.84
N LEU B 116 10.84 32.40 -0.58
CA LEU B 116 11.36 31.04 -0.78
C LEU B 116 11.61 30.73 -2.26
N LYS B 117 10.76 31.27 -3.14
CA LYS B 117 10.98 31.16 -4.58
C LYS B 117 12.26 31.87 -5.02
N LEU B 118 12.51 33.05 -4.44
CA LEU B 118 13.75 33.80 -4.69
C LEU B 118 15.00 33.08 -4.15
N VAL B 119 14.87 32.37 -3.03
CA VAL B 119 15.96 31.52 -2.53
C VAL B 119 16.26 30.40 -3.52
N LEU B 120 15.20 29.80 -4.08
CA LEU B 120 15.35 28.78 -5.13
C LEU B 120 15.99 29.33 -6.40
N LEU B 121 15.56 30.53 -6.81
CA LEU B 121 16.17 31.19 -7.97
C LEU B 121 17.70 31.29 -7.83
N ALA B 122 18.17 31.59 -6.62
CA ALA B 122 19.61 31.65 -6.33
C ALA B 122 20.30 30.28 -6.26
N LEU B 123 19.65 29.31 -5.62
CA LEU B 123 20.31 28.04 -5.23
C LEU B 123 19.84 26.75 -5.94
N GLU B 124 18.77 26.81 -6.74
CA GLU B 124 18.31 25.68 -7.60
C GLU B 124 19.44 24.89 -8.27
N ASP B 125 20.34 25.64 -8.91
CA ASP B 125 21.43 25.06 -9.70
C ASP B 125 22.58 24.41 -8.90
N GLY B 126 22.58 24.60 -7.59
CA GLY B 126 23.65 24.10 -6.72
C GLY B 126 24.73 25.12 -6.45
N SER B 127 24.46 26.40 -6.74
CA SER B 127 25.38 27.50 -6.42
C SER B 127 25.64 27.59 -4.92
N ALA B 128 26.83 28.08 -4.57
CA ALA B 128 27.22 28.31 -3.19
C ALA B 128 27.40 29.81 -2.98
N LEU B 129 26.48 30.40 -2.21
CA LEU B 129 26.52 31.83 -1.88
C LEU B 129 26.73 32.01 -0.39
N SER B 130 27.20 33.19 0.00
CA SER B 130 27.29 33.57 1.41
C SER B 130 25.91 34.04 1.88
N ARG B 131 25.70 33.98 3.20
CA ARG B 131 24.45 34.42 3.81
C ARG B 131 24.11 35.87 3.44
N LYS B 132 25.11 36.76 3.51
CA LYS B 132 24.91 38.16 3.15
C LYS B 132 24.50 38.33 1.68
N VAL B 133 25.15 37.59 0.79
CA VAL B 133 24.85 37.64 -0.65
C VAL B 133 23.47 37.04 -0.94
N LEU B 134 23.14 35.92 -0.29
CA LEU B 134 21.83 35.29 -0.44
C LEU B 134 20.69 36.19 0.04
N VAL B 135 20.88 36.87 1.17
CA VAL B 135 19.87 37.77 1.72
C VAL B 135 19.60 38.93 0.75
N LEU B 136 20.68 39.54 0.27
CA LEU B 136 20.57 40.68 -0.67
C LEU B 136 19.91 40.29 -1.99
N PHE B 137 20.33 39.14 -2.54
CA PHE B 137 19.69 38.53 -3.71
C PHE B 137 18.16 38.55 -3.61
N VAL B 138 17.65 38.13 -2.45
CA VAL B 138 16.22 38.05 -2.18
C VAL B 138 15.62 39.43 -1.94
N VAL B 139 16.24 40.23 -1.07
CA VAL B 139 15.69 41.55 -0.69
C VAL B 139 15.51 42.45 -1.91
N GLN B 140 16.54 42.52 -2.75
CA GLN B 140 16.52 43.31 -4.00
C GLN B 140 15.32 42.93 -4.89
N ARG B 141 15.23 41.64 -5.21
CA ARG B 141 14.17 41.12 -6.07
C ARG B 141 12.78 41.15 -5.44
N LEU B 142 12.71 41.14 -4.12
CA LEU B 142 11.44 41.13 -3.37
C LEU B 142 10.89 42.53 -3.08
N GLU B 143 11.77 43.53 -2.95
CA GLU B 143 11.38 44.89 -2.56
C GLU B 143 10.28 45.53 -3.42
N PRO B 144 10.34 45.35 -4.76
CA PRO B 144 9.30 45.95 -5.63
C PRO B 144 7.87 45.50 -5.30
N ARG B 145 7.65 44.19 -5.22
CA ARG B 145 6.35 43.63 -4.84
C ARG B 145 6.01 43.79 -3.36
N PHE B 146 7.04 43.80 -2.49
CA PHE B 146 6.86 43.96 -1.04
C PHE B 146 7.85 45.00 -0.48
N PRO B 147 7.43 46.29 -0.37
CA PRO B 147 8.37 47.36 0.04
C PRO B 147 8.91 47.26 1.48
N GLN B 148 8.20 46.57 2.37
CA GLN B 148 8.67 46.33 3.74
C GLN B 148 9.90 45.39 3.87
N ALA B 149 10.26 44.68 2.79
CA ALA B 149 11.40 43.76 2.81
C ALA B 149 12.70 44.45 3.26
N SER B 150 13.49 43.72 4.04
CA SER B 150 14.73 44.24 4.61
C SER B 150 15.76 43.14 4.80
N LYS B 151 17.00 43.52 5.06
CA LYS B 151 18.05 42.55 5.39
C LYS B 151 17.71 41.79 6.68
N THR B 152 17.14 42.50 7.66
CA THR B 152 16.72 41.90 8.93
C THR B 152 15.60 40.87 8.75
N SER B 153 14.51 41.29 8.12
CA SER B 153 13.33 40.44 7.96
C SER B 153 13.63 39.20 7.12
N ILE B 154 14.41 39.39 6.05
CA ILE B 154 14.77 38.29 5.15
C ILE B 154 15.87 37.42 5.77
N GLY B 155 16.73 38.02 6.59
CA GLY B 155 17.70 37.25 7.38
C GLY B 155 17.02 36.26 8.30
N HIS B 156 15.91 36.66 8.90
CA HIS B 156 15.11 35.78 9.76
C HIS B 156 14.52 34.59 8.99
N VAL B 157 14.11 34.81 7.75
CA VAL B 157 13.61 33.74 6.88
C VAL B 157 14.73 32.76 6.50
N VAL B 158 15.90 33.29 6.17
CA VAL B 158 17.06 32.45 5.85
C VAL B 158 17.47 31.62 7.07
N GLN B 159 17.41 32.24 8.26
CA GLN B 159 17.68 31.53 9.51
C GLN B 159 16.72 30.36 9.75
N LEU B 160 15.45 30.55 9.43
CA LEU B 160 14.46 29.47 9.51
C LEU B 160 14.90 28.23 8.69
N LEU B 161 15.35 28.49 7.47
CA LEU B 161 15.83 27.44 6.57
C LEU B 161 17.13 26.82 7.07
N TYR B 162 17.99 27.65 7.66
CA TYR B 162 19.22 27.18 8.31
C TYR B 162 18.92 26.24 9.46
N ARG B 163 18.00 26.65 10.34
CA ARG B 163 17.59 25.83 11.49
C ARG B 163 16.95 24.51 11.04
N ALA B 164 16.31 24.53 9.86
CA ALA B 164 15.73 23.32 9.26
C ALA B 164 16.71 22.38 8.55
N SER B 165 18.01 22.70 8.57
CA SER B 165 19.05 21.91 7.87
C SER B 165 18.81 21.79 6.36
N CYS B 166 18.35 22.89 5.75
CA CYS B 166 18.18 22.96 4.31
C CYS B 166 19.49 23.18 3.56
N PHE B 167 20.49 23.74 4.25
CA PHE B 167 21.77 24.12 3.64
C PHE B 167 22.90 23.14 3.92
N LYS B 168 23.74 22.92 2.91
CA LYS B 168 25.08 22.35 3.13
C LYS B 168 25.99 23.55 3.29
N VAL B 169 26.65 23.64 4.45
CA VAL B 169 27.46 24.81 4.80
C VAL B 169 28.94 24.42 4.69
N THR B 170 29.69 25.22 3.93
CA THR B 170 31.11 25.00 3.71
C THR B 170 31.87 26.14 4.36
N LYS B 171 32.67 25.81 5.38
CA LYS B 171 33.49 26.80 6.08
C LYS B 171 34.73 27.14 5.25
N ARG B 172 35.21 28.37 5.41
CA ARG B 172 36.45 28.84 4.77
C ARG B 172 37.30 29.53 5.84
N ASP B 173 38.60 29.28 5.82
CA ASP B 173 39.50 29.83 6.85
C ASP B 173 39.52 31.37 6.80
N GLU B 174 39.14 31.99 7.91
CA GLU B 174 39.09 33.45 8.06
C GLU B 174 38.22 34.16 7.00
N ASP B 175 37.08 33.57 6.67
CA ASP B 175 36.15 34.14 5.69
C ASP B 175 34.71 33.65 5.88
N SER B 176 33.78 34.32 5.20
CA SER B 176 32.36 33.99 5.26
C SER B 176 32.08 32.60 4.68
N SER B 177 31.27 31.80 5.36
CA SER B 177 30.90 30.46 4.90
C SER B 177 30.02 30.52 3.66
N LEU B 178 30.14 29.49 2.82
CA LEU B 178 29.30 29.33 1.64
C LEU B 178 28.17 28.35 1.95
N MET B 179 27.00 28.58 1.34
CA MET B 179 25.81 27.78 1.58
C MET B 179 25.16 27.30 0.28
N GLN B 180 24.94 25.99 0.16
CA GLN B 180 24.20 25.40 -0.94
C GLN B 180 22.92 24.79 -0.40
N LEU B 181 21.83 24.88 -1.16
CA LEU B 181 20.64 24.06 -0.90
C LEU B 181 21.02 22.60 -1.12
N LYS B 182 20.64 21.72 -0.19
CA LYS B 182 20.83 20.29 -0.37
C LYS B 182 19.97 19.85 -1.54
N GLU B 183 20.43 18.81 -2.24
CA GLU B 183 19.79 18.32 -3.47
C GLU B 183 18.28 18.10 -3.30
N GLU B 184 17.93 17.48 -2.18
CA GLU B 184 16.54 17.16 -1.84
C GLU B 184 15.60 18.36 -1.66
N PHE B 185 16.14 19.57 -1.46
CA PHE B 185 15.33 20.79 -1.30
C PHE B 185 15.46 21.79 -2.45
N ARG B 186 15.90 21.34 -3.64
CA ARG B 186 16.04 22.23 -4.80
C ARG B 186 14.78 22.30 -5.69
N SER B 187 13.61 22.07 -5.10
CA SER B 187 12.32 22.38 -5.71
C SER B 187 11.48 23.10 -4.68
N TYR B 188 10.51 23.90 -5.14
CA TYR B 188 9.65 24.66 -4.24
C TYR B 188 8.84 23.78 -3.30
N GLU B 189 8.30 22.68 -3.82
CA GLU B 189 7.43 21.81 -3.04
C GLU B 189 8.18 21.19 -1.87
N ALA B 190 9.38 20.68 -2.16
CA ALA B 190 10.25 20.10 -1.12
C ALA B 190 10.74 21.15 -0.12
N LEU B 191 11.11 22.33 -0.61
CA LEU B 191 11.62 23.41 0.25
C LEU B 191 10.54 23.99 1.15
N ARG B 192 9.35 24.23 0.60
CA ARG B 192 8.24 24.76 1.39
C ARG B 192 7.77 23.77 2.47
N ARG B 193 7.73 22.48 2.13
CA ARG B 193 7.39 21.43 3.09
C ARG B 193 8.32 21.48 4.31
N GLU B 194 9.62 21.46 4.05
CA GLU B 194 10.63 21.49 5.11
C GLU B 194 10.54 22.79 5.93
N HIS B 195 10.29 23.90 5.23
CA HIS B 195 10.02 25.19 5.88
C HIS B 195 8.80 25.11 6.81
N ASP B 196 7.70 24.55 6.30
CA ASP B 196 6.47 24.41 7.08
C ASP B 196 6.70 23.49 8.30
N ALA B 197 7.33 22.34 8.04
CA ALA B 197 7.74 21.40 9.09
C ALA B 197 8.59 22.02 10.19
N GLN B 198 9.46 22.95 9.83
CA GLN B 198 10.32 23.63 10.79
C GLN B 198 9.53 24.53 11.73
N ILE B 199 8.49 25.20 11.21
CA ILE B 199 7.62 26.04 12.04
C ILE B 199 6.76 25.15 12.96
N VAL B 200 6.34 24.00 12.45
CA VAL B 200 5.62 23.01 13.25
C VAL B 200 6.54 22.51 14.38
N HIS B 201 7.79 22.19 14.04
CA HIS B 201 8.81 21.79 15.02
C HIS B 201 8.98 22.81 16.15
N ILE B 202 9.06 24.09 15.78
CA ILE B 202 9.23 25.16 16.77
C ILE B 202 8.01 25.20 17.70
N ALA B 203 6.81 25.07 17.13
CA ALA B 203 5.58 25.03 17.92
C ALA B 203 5.56 23.85 18.88
N MET B 204 5.94 22.67 18.40
CA MET B 204 6.01 21.46 19.20
C MET B 204 6.95 21.66 20.40
N GLU B 205 8.15 22.16 20.11
CA GLU B 205 9.17 22.43 21.15
C GLU B 205 8.72 23.43 22.22
N ALA B 206 7.87 24.38 21.84
CA ALA B 206 7.31 25.35 22.76
C ALA B 206 6.03 24.84 23.45
N GLY B 207 5.68 23.57 23.26
CA GLY B 207 4.51 22.96 23.86
C GLY B 207 3.19 23.50 23.34
N LEU B 208 3.13 23.78 22.04
CA LEU B 208 1.90 24.25 21.39
C LEU B 208 1.38 23.12 20.52
N ARG B 209 0.06 22.91 20.56
CA ARG B 209 -0.63 21.88 19.79
C ARG B 209 -1.66 22.57 18.92
N ILE B 210 -1.40 22.60 17.61
CA ILE B 210 -2.18 23.38 16.66
C ILE B 210 -2.71 22.42 15.60
N SER B 211 -3.98 22.55 15.25
CA SER B 211 -4.63 21.62 14.32
C SER B 211 -4.23 21.94 12.86
N PRO B 212 -4.32 20.94 11.96
CA PRO B 212 -4.10 21.16 10.53
C PRO B 212 -4.86 22.36 9.94
N GLU B 213 -6.13 22.51 10.33
CA GLU B 213 -6.95 23.65 9.90
C GLU B 213 -6.36 24.99 10.34
N GLN B 214 -5.94 25.07 11.61
CA GLN B 214 -5.30 26.27 12.13
C GLN B 214 -3.98 26.55 11.42
N TRP B 215 -3.18 25.50 11.20
CA TRP B 215 -1.91 25.61 10.48
C TRP B 215 -2.06 26.11 9.04
N SER B 216 -3.06 25.58 8.33
CA SER B 216 -3.37 26.03 6.96
C SER B 216 -3.68 27.52 6.94
N SER B 217 -4.47 27.97 7.91
CA SER B 217 -4.82 29.39 8.02
C SER B 217 -3.60 30.24 8.36
N LEU B 218 -2.78 29.78 9.30
CA LEU B 218 -1.59 30.51 9.75
C LEU B 218 -0.53 30.66 8.64
N LEU B 219 -0.29 29.58 7.89
CA LEU B 219 0.80 29.52 6.93
C LEU B 219 0.41 29.79 5.47
N TYR B 220 -0.87 29.61 5.13
CA TYR B 220 -1.36 29.85 3.76
C TYR B 220 -2.50 30.86 3.62
N GLY B 221 -3.12 31.28 4.72
CA GLY B 221 -4.27 32.17 4.67
C GLY B 221 -5.53 31.56 4.07
N ASP B 222 -5.62 30.23 4.05
CA ASP B 222 -6.81 29.53 3.56
C ASP B 222 -6.99 28.21 4.33
N LEU B 223 -8.06 27.48 4.02
CA LEU B 223 -8.29 26.15 4.60
C LEU B 223 -8.02 25.02 3.58
N ALA B 224 -7.35 25.35 2.47
CA ALA B 224 -7.07 24.39 1.41
C ALA B 224 -5.74 23.66 1.57
N HIS B 225 -5.05 23.84 2.70
CA HIS B 225 -3.79 23.12 2.99
C HIS B 225 -3.84 22.24 4.26
N LYS B 226 -5.05 21.86 4.70
CA LYS B 226 -5.22 20.94 5.85
C LYS B 226 -4.43 19.66 5.70
N SER B 227 -4.63 19.00 4.55
CA SER B 227 -4.02 17.70 4.27
C SER B 227 -2.50 17.76 4.24
N HIS B 228 -1.97 18.80 3.60
CA HIS B 228 -0.52 19.06 3.53
C HIS B 228 0.08 19.23 4.94
N MET B 229 -0.57 20.06 5.77
CA MET B 229 -0.14 20.24 7.17
C MET B 229 -0.33 18.98 8.03
N GLN B 230 -1.44 18.28 7.82
CA GLN B 230 -1.70 17.01 8.48
C GLN B 230 -0.59 15.98 8.16
N SER B 231 -0.20 15.93 6.89
CA SER B 231 0.91 15.06 6.45
C SER B 231 2.20 15.35 7.21
N ILE B 232 2.52 16.64 7.36
CA ILE B 232 3.73 17.06 8.07
C ILE B 232 3.67 16.67 9.56
N ILE B 233 2.53 16.91 10.19
CA ILE B 233 2.33 16.57 11.61
C ILE B 233 2.51 15.08 11.85
N ASP B 234 1.87 14.26 11.02
CA ASP B 234 1.94 12.80 11.18
C ASP B 234 3.33 12.23 10.94
N LYS B 235 4.11 12.84 10.04
CA LYS B 235 5.49 12.39 9.79
C LYS B 235 6.45 12.75 10.94
N LEU B 236 6.16 13.80 11.69
CA LEU B 236 6.92 14.14 12.89
C LEU B 236 6.58 13.29 14.14
N GLN B 237 5.47 12.58 14.13
CA GLN B 237 5.16 11.67 15.25
C GLN B 237 6.17 10.52 15.23
N SER B 238 6.61 10.09 16.41
CA SER B 238 7.40 8.88 16.58
C SER B 238 6.80 8.09 17.73
N PRO B 239 7.34 6.89 18.03
CA PRO B 239 6.93 6.22 19.27
C PRO B 239 7.38 6.91 20.56
N GLU B 240 8.35 7.83 20.46
CA GLU B 240 8.79 8.63 21.61
C GLU B 240 7.82 9.78 21.92
N SER B 241 6.93 10.10 20.99
CA SER B 241 5.98 11.22 21.16
C SER B 241 5.10 11.12 22.42
N PHE B 242 4.59 9.92 22.71
CA PHE B 242 3.78 9.68 23.93
C PHE B 242 4.60 10.08 25.18
N ALA B 243 5.79 9.51 25.34
CA ALA B 243 6.66 9.84 26.49
C ALA B 243 7.02 11.33 26.57
N LYS B 244 7.28 11.98 25.43
CA LYS B 244 7.57 13.41 25.39
C LYS B 244 6.34 14.24 25.77
N SER B 245 5.16 13.78 25.34
CA SER B 245 3.91 14.45 25.68
C SER B 245 3.58 14.41 27.17
N VAL B 246 4.02 13.35 27.86
CA VAL B 246 3.83 13.25 29.31
C VAL B 246 4.71 14.28 30.03
N GLN B 247 5.99 14.35 29.64
CA GLN B 247 6.91 15.37 30.15
C GLN B 247 6.36 16.78 29.90
N GLU B 248 5.76 16.96 28.73
CA GLU B 248 5.16 18.22 28.35
C GLU B 248 4.02 18.59 29.26
N LEU B 249 3.15 17.63 29.54
CA LEU B 249 2.02 17.83 30.45
C LEU B 249 2.52 18.20 31.85
N THR B 250 3.60 17.54 32.30
CA THR B 250 4.24 17.89 33.58
C THR B 250 4.65 19.37 33.63
N ILE B 251 5.22 19.87 32.53
CA ILE B 251 5.60 21.29 32.41
C ILE B 251 4.36 22.19 32.46
N VAL B 252 3.28 21.79 31.78
CA VAL B 252 2.03 22.55 31.81
C VAL B 252 1.45 22.58 33.23
N LEU B 253 1.48 21.45 33.92
CA LEU B 253 0.91 21.36 35.29
C LEU B 253 1.73 22.13 36.33
N GLN B 254 3.06 22.08 36.20
CA GLN B 254 3.95 22.89 37.04
C GLN B 254 3.70 24.39 36.86
N ARG B 255 3.36 24.79 35.63
CA ARG B 255 3.02 26.18 35.30
C ARG B 255 1.65 26.60 35.85
N THR B 256 0.69 25.66 35.89
CA THR B 256 -0.70 25.93 36.34
C THR B 256 -0.99 25.62 37.82
N GLY B 257 -0.17 24.78 38.45
CA GLY B 257 -0.31 24.46 39.89
C GLY B 257 -0.87 23.08 40.21
N ASP B 258 -1.69 22.53 39.31
CA ASP B 258 -2.21 21.17 39.38
C ASP B 258 -3.22 20.97 40.53
N PRO B 259 -4.39 21.63 40.46
CA PRO B 259 -5.41 21.49 41.49
C PRO B 259 -5.93 20.06 41.66
N ALA B 260 -6.18 19.37 40.54
CA ALA B 260 -6.73 18.01 40.55
C ALA B 260 -5.70 16.89 40.77
N ASN B 261 -4.44 17.25 40.99
CA ASN B 261 -3.36 16.29 41.19
C ASN B 261 -3.26 15.26 40.05
N LEU B 262 -3.34 15.76 38.81
CA LEU B 262 -3.11 14.94 37.62
C LEU B 262 -1.70 14.32 37.61
N ASN B 263 -0.77 14.87 38.39
CA ASN B 263 0.54 14.26 38.62
C ASN B 263 0.50 12.83 39.16
N ARG B 264 -0.57 12.46 39.88
CA ARG B 264 -0.76 11.08 40.34
C ARG B 264 -0.77 10.07 39.18
N LEU B 265 -1.24 10.50 38.00
CA LEU B 265 -1.30 9.66 36.81
C LEU B 265 0.06 9.40 36.14
N ARG B 266 1.11 10.09 36.57
CA ARG B 266 2.42 10.04 35.89
C ARG B 266 3.00 8.63 35.68
N PRO B 267 3.08 7.80 36.74
CA PRO B 267 3.66 6.46 36.53
C PRO B 267 2.78 5.53 35.69
N HIS B 268 1.46 5.79 35.66
CA HIS B 268 0.54 5.06 34.78
C HIS B 268 0.73 5.42 33.31
N LEU B 269 0.82 6.73 33.04
CA LEU B 269 1.10 7.22 31.70
C LEU B 269 2.48 6.78 31.20
N GLU B 270 3.45 6.75 32.10
CA GLU B 270 4.80 6.29 31.77
C GLU B 270 4.81 4.83 31.39
N LEU B 271 4.10 4.01 32.16
CA LEU B 271 3.95 2.59 31.85
C LEU B 271 3.30 2.37 30.49
N LEU B 272 2.22 3.10 30.23
CA LEU B 272 1.52 3.03 28.94
C LEU B 272 2.40 3.50 27.78
N ALA B 273 3.14 4.59 28.00
CA ALA B 273 4.08 5.10 27.00
C ALA B 273 5.22 4.11 26.69
N ASN B 274 5.58 3.27 27.65
CA ASN B 274 6.63 2.27 27.47
C ASN B 274 6.16 0.98 26.77
N ILE B 275 4.86 0.87 26.48
CA ILE B 275 4.34 -0.27 25.69
C ILE B 275 4.82 -0.14 24.24
N ASP B 276 5.20 -1.27 23.65
CA ASP B 276 5.64 -1.32 22.25
C ASP B 276 4.42 -1.22 21.33
N PRO B 277 4.34 -0.16 20.51
CA PRO B 277 3.20 0.04 19.59
C PRO B 277 3.30 -0.75 18.28
N ASN B 278 4.45 -1.37 18.01
CA ASN B 278 4.63 -2.15 16.79
C ASN B 278 3.75 -3.40 16.82
N PRO B 279 3.16 -3.77 15.67
CA PRO B 279 2.32 -4.98 15.62
C PRO B 279 3.12 -6.30 15.77
N ASP B 280 4.40 -6.29 15.40
CA ASP B 280 5.30 -7.42 15.60
C ASP B 280 6.07 -7.29 16.92
N ALA B 281 5.36 -7.01 18.01
CA ALA B 281 5.95 -6.82 19.33
C ALA B 281 5.74 -8.07 20.18
N VAL B 282 6.66 -8.30 21.13
CA VAL B 282 6.59 -9.47 22.00
C VAL B 282 5.31 -9.41 22.83
N SER B 283 4.56 -10.51 22.86
CA SER B 283 3.27 -10.54 23.55
C SER B 283 3.45 -10.40 25.07
N PRO B 284 2.44 -9.83 25.75
CA PRO B 284 2.60 -9.49 27.16
C PRO B 284 2.51 -10.70 28.10
N THR B 285 3.17 -10.61 29.24
CA THR B 285 2.95 -11.53 30.35
C THR B 285 1.63 -11.16 31.02
N TRP B 286 1.09 -12.07 31.80
CA TRP B 286 -0.16 -11.81 32.54
C TRP B 286 -0.05 -10.61 33.47
N GLU B 287 1.10 -10.46 34.12
CA GLU B 287 1.38 -9.33 35.00
C GLU B 287 1.36 -8.01 34.21
N GLN B 288 2.06 -8.01 33.06
CA GLN B 288 2.04 -6.86 32.13
C GLN B 288 0.63 -6.50 31.63
N LEU B 289 -0.20 -7.51 31.37
CA LEU B 289 -1.58 -7.26 30.94
C LEU B 289 -2.39 -6.57 32.03
N GLU B 290 -2.32 -7.09 33.26
CA GLU B 290 -3.04 -6.50 34.41
C GLU B 290 -2.61 -5.06 34.65
N ASN B 291 -1.31 -4.85 34.74
CA ASN B 291 -0.74 -3.52 34.96
C ASN B 291 -1.17 -2.49 33.91
N ALA B 292 -1.18 -2.90 32.64
CA ALA B 292 -1.62 -2.04 31.54
C ALA B 292 -3.10 -1.67 31.64
N MET B 293 -3.94 -2.65 31.96
CA MET B 293 -5.38 -2.43 32.09
C MET B 293 -5.75 -1.58 33.32
N VAL B 294 -4.98 -1.72 34.40
CA VAL B 294 -5.15 -0.90 35.61
C VAL B 294 -4.68 0.54 35.33
N ALA B 295 -3.52 0.66 34.68
CA ALA B 295 -2.97 1.97 34.28
C ALA B 295 -3.93 2.78 33.41
N VAL B 296 -4.44 2.15 32.35
CA VAL B 296 -5.37 2.83 31.44
C VAL B 296 -6.71 3.15 32.12
N LYS B 297 -7.18 2.25 32.99
CA LYS B 297 -8.40 2.48 33.78
C LYS B 297 -8.26 3.74 34.63
N THR B 298 -7.17 3.83 35.38
CA THR B 298 -6.89 4.99 36.23
C THR B 298 -6.78 6.31 35.42
N VAL B 299 -6.11 6.23 34.27
CA VAL B 299 -5.86 7.39 33.41
C VAL B 299 -7.15 7.95 32.81
N VAL B 300 -8.02 7.07 32.32
CA VAL B 300 -9.30 7.49 31.72
C VAL B 300 -10.26 8.02 32.79
N HIS B 301 -10.23 7.39 33.97
CA HIS B 301 -10.98 7.88 35.15
C HIS B 301 -10.52 9.30 35.54
N GLY B 302 -9.20 9.52 35.55
CA GLY B 302 -8.62 10.85 35.79
C GLY B 302 -9.03 11.95 34.82
N LEU B 303 -9.18 11.60 33.54
CA LEU B 303 -9.67 12.52 32.52
C LEU B 303 -11.12 12.92 32.77
N VAL B 304 -11.96 11.92 33.06
CA VAL B 304 -13.39 12.16 33.30
C VAL B 304 -13.60 12.95 34.58
N ASP B 305 -12.84 12.61 35.63
CA ASP B 305 -12.85 13.39 36.88
C ASP B 305 -12.48 14.86 36.64
N PHE B 306 -11.49 15.09 35.77
CA PHE B 306 -11.04 16.45 35.45
C PHE B 306 -12.09 17.26 34.68
N ILE B 307 -12.70 16.65 33.66
CA ILE B 307 -13.71 17.33 32.83
C ILE B 307 -14.91 17.77 33.68
N GLN B 308 -15.40 16.88 34.54
CA GLN B 308 -16.57 17.15 35.34
C GLN B 308 -16.31 18.14 36.49
N ASN B 309 -15.23 17.93 37.24
CA ASN B 309 -14.94 18.71 38.45
C ASN B 309 -14.04 19.94 38.27
N TYR B 310 -13.06 19.85 37.38
CA TYR B 310 -12.05 20.91 37.19
C TYR B 310 -12.03 21.50 35.77
N SER B 311 -13.22 21.75 35.20
CA SER B 311 -13.33 22.35 33.86
C SER B 311 -13.00 23.84 33.89
UNK UNX G . -0.68 -3.90 -28.79
UNK UNX H . -3.17 -33.74 -5.95
CL CL I . -9.57 -17.49 34.44
#